data_6D71
#
_entry.id   6D71
#
_cell.length_a   41.350
_cell.length_b   78.270
_cell.length_c   99.780
_cell.angle_alpha   90.000
_cell.angle_beta   90.000
_cell.angle_gamma   90.000
#
_symmetry.space_group_name_H-M   'P 21 21 21'
#
loop_
_entity.id
_entity.type
_entity.pdbx_description
1 polymer 'Mitochondrial Rho GTPase 1'
2 non-polymer "GUANOSINE-5'-TRIPHOSPHATE"
3 non-polymer 'MAGNESIUM ION'
4 water water
#
_entity_poly.entity_id   1
_entity_poly.type   'polypeptide(L)'
_entity_poly.pdbx_seq_one_letter_code
;MHHHHHHKKDVRILLVGEPRVGKTSLIMSLVSEEFPEEVPPRAEEITIPADVTPERVPTHIVDYSEAEQSDEQLHQEISQ
ANVICIVYAVNNKHSIDKVTSRWIPLINERTDKDSRLPLILVGNKSDLVEYSSMETILPIMNQYTEIETCVECSAKNLKN
ISELFYYAQKAVLHPTGPLYCPEEKE
;
_entity_poly.pdbx_strand_id   A,B
#
loop_
_chem_comp.id
_chem_comp.type
_chem_comp.name
_chem_comp.formula
GTP non-polymer GUANOSINE-5'-TRIPHOSPHATE 'C10 H16 N5 O14 P3'
MG non-polymer 'MAGNESIUM ION' 'Mg 2'
#
# COMPACT_ATOMS: atom_id res chain seq x y z
N ASP A 10 -16.80 -11.15 8.30
CA ASP A 10 -15.77 -12.03 7.75
C ASP A 10 -15.18 -11.44 6.46
N VAL A 11 -13.86 -11.38 6.40
CA VAL A 11 -13.17 -11.03 5.15
C VAL A 11 -13.01 -12.31 4.35
N ARG A 12 -13.41 -12.25 3.08
CA ARG A 12 -13.33 -13.40 2.18
C ARG A 12 -12.54 -12.97 0.94
N ILE A 13 -11.26 -13.37 0.91
CA ILE A 13 -10.32 -12.97 -0.13
C ILE A 13 -10.25 -14.06 -1.19
N LEU A 14 -10.24 -13.65 -2.46
CA LEU A 14 -10.04 -14.56 -3.59
C LEU A 14 -8.90 -14.01 -4.43
N LEU A 15 -7.95 -14.88 -4.78
CA LEU A 15 -6.85 -14.50 -5.66
C LEU A 15 -7.13 -15.05 -7.05
N VAL A 16 -7.21 -14.16 -8.04
CA VAL A 16 -7.34 -14.56 -9.43
C VAL A 16 -6.17 -13.96 -10.21
N GLY A 17 -6.08 -14.35 -11.47
CA GLY A 17 -5.00 -13.89 -12.32
C GLY A 17 -4.55 -14.96 -13.29
N GLU A 18 -3.73 -14.57 -14.26
CA GLU A 18 -3.26 -15.50 -15.28
C GLU A 18 -2.40 -16.61 -14.69
N PRO A 19 -2.22 -17.70 -15.42
CA PRO A 19 -1.38 -18.79 -14.90
C PRO A 19 0.03 -18.34 -14.57
N ARG A 20 0.57 -18.89 -13.48
CA ARG A 20 1.98 -18.80 -13.08
C ARG A 20 2.38 -17.41 -12.61
N VAL A 21 1.44 -16.52 -12.32
CA VAL A 21 1.83 -15.21 -11.79
C VAL A 21 2.26 -15.27 -10.34
N GLY A 22 1.89 -16.33 -9.61
CA GLY A 22 2.33 -16.53 -8.25
C GLY A 22 1.21 -16.53 -7.21
N LYS A 23 -0.03 -16.76 -7.64
CA LYS A 23 -1.16 -16.75 -6.71
C LYS A 23 -0.93 -17.72 -5.53
N THR A 24 -0.67 -18.98 -5.84
CA THR A 24 -0.49 -19.98 -4.80
C THR A 24 0.74 -19.69 -3.93
N SER A 25 1.85 -19.30 -4.57
CA SER A 25 3.06 -18.97 -3.80
C SER A 25 2.83 -17.81 -2.86
N LEU A 26 2.03 -16.82 -3.27
CA LEU A 26 1.74 -15.69 -2.38
C LEU A 26 1.03 -16.16 -1.13
N ILE A 27 0.01 -17.00 -1.31
CA ILE A 27 -0.76 -17.51 -0.18
C ILE A 27 0.11 -18.36 0.73
N MET A 28 0.92 -19.25 0.16
CA MET A 28 1.70 -20.12 1.03
C MET A 28 2.85 -19.37 1.69
N SER A 29 3.37 -18.31 1.05
CA SER A 29 4.39 -17.50 1.72
C SER A 29 3.79 -16.70 2.87
N LEU A 30 2.52 -16.30 2.75
CA LEU A 30 1.87 -15.64 3.88
C LEU A 30 1.74 -16.60 5.06
N VAL A 31 1.37 -17.84 4.81
CA VAL A 31 1.13 -18.81 5.87
C VAL A 31 2.44 -19.18 6.57
N SER A 32 3.51 -19.41 5.80
CA SER A 32 4.72 -19.98 6.35
C SER A 32 5.83 -18.98 6.63
N GLU A 33 5.73 -17.76 6.12
CA GLU A 33 6.82 -16.78 6.21
C GLU A 33 8.11 -17.36 5.65
N GLU A 34 7.97 -18.15 4.60
CA GLU A 34 9.10 -18.67 3.85
C GLU A 34 8.59 -19.06 2.47
N PHE A 35 9.40 -18.78 1.45
CA PHE A 35 8.96 -18.99 0.09
C PHE A 35 8.98 -20.48 -0.24
N PRO A 36 7.86 -21.04 -0.72
CA PRO A 36 7.86 -22.45 -1.14
C PRO A 36 8.48 -22.59 -2.52
N GLU A 37 9.56 -23.39 -2.62
CA GLU A 37 10.15 -23.61 -3.93
C GLU A 37 9.26 -24.50 -4.80
N GLU A 38 8.44 -25.34 -4.18
CA GLU A 38 7.46 -26.16 -4.86
C GLU A 38 6.07 -25.81 -4.34
N VAL A 39 5.12 -25.63 -5.25
CA VAL A 39 3.74 -25.36 -4.83
C VAL A 39 2.79 -26.28 -5.60
N PRO A 40 1.69 -26.71 -4.99
CA PRO A 40 0.64 -27.37 -5.75
C PRO A 40 -0.04 -26.37 -6.68
N PRO A 41 -0.87 -26.85 -7.62
CA PRO A 41 -1.61 -25.90 -8.46
C PRO A 41 -2.47 -24.93 -7.66
N ARG A 42 -3.07 -25.40 -6.57
CA ARG A 42 -4.00 -24.59 -5.82
C ARG A 42 -3.82 -24.86 -4.34
N ALA A 43 -3.65 -23.79 -3.56
CA ALA A 43 -3.67 -23.92 -2.12
C ALA A 43 -5.06 -24.32 -1.67
N GLU A 44 -5.12 -25.12 -0.60
CA GLU A 44 -6.41 -25.40 0.02
C GLU A 44 -6.95 -24.12 0.65
N GLU A 45 -8.28 -24.03 0.73
CA GLU A 45 -8.92 -22.88 1.36
C GLU A 45 -8.36 -22.68 2.76
N ILE A 46 -8.06 -21.42 3.09
CA ILE A 46 -7.43 -21.06 4.35
C ILE A 46 -8.44 -20.29 5.18
N THR A 47 -8.50 -20.59 6.47
CA THR A 47 -9.34 -19.88 7.44
C THR A 47 -8.46 -19.43 8.60
N ILE A 48 -8.42 -18.13 8.84
CA ILE A 48 -7.48 -17.52 9.77
C ILE A 48 -8.27 -16.88 10.90
N PRO A 49 -7.93 -17.15 12.17
CA PRO A 49 -8.67 -16.54 13.29
C PRO A 49 -8.53 -15.02 13.34
N ALA A 50 -9.56 -14.37 13.89
CA ALA A 50 -9.66 -12.92 13.84
C ALA A 50 -8.45 -12.24 14.47
N ASP A 51 -8.10 -12.61 15.70
CA ASP A 51 -7.11 -11.85 16.45
C ASP A 51 -5.67 -12.05 15.96
N VAL A 52 -5.40 -12.71 14.84
CA VAL A 52 -4.05 -12.80 14.30
C VAL A 52 -3.96 -12.19 12.90
N THR A 53 -4.97 -11.42 12.50
CA THR A 53 -5.02 -10.75 11.22
C THR A 53 -4.88 -9.25 11.40
N PRO A 54 -4.41 -8.54 10.37
CA PRO A 54 -4.24 -7.08 10.49
C PRO A 54 -5.47 -6.32 11.00
N GLU A 55 -6.66 -6.64 10.50
CA GLU A 55 -7.86 -5.89 10.84
C GLU A 55 -8.71 -6.55 11.92
N ARG A 56 -8.24 -7.65 12.52
CA ARG A 56 -8.89 -8.28 13.68
C ARG A 56 -10.29 -8.81 13.35
N VAL A 57 -10.42 -9.43 12.17
CA VAL A 57 -11.65 -10.12 11.80
C VAL A 57 -11.29 -11.45 11.16
N PRO A 58 -12.14 -12.46 11.32
CA PRO A 58 -11.84 -13.76 10.71
C PRO A 58 -11.73 -13.64 9.21
N THR A 59 -10.77 -14.35 8.62
CA THR A 59 -10.41 -14.16 7.23
C THR A 59 -10.31 -15.50 6.53
N HIS A 60 -10.96 -15.60 5.37
CA HIS A 60 -10.86 -16.75 4.49
C HIS A 60 -10.06 -16.35 3.26
N ILE A 61 -9.14 -17.20 2.82
CA ILE A 61 -8.36 -16.96 1.62
C ILE A 61 -8.54 -18.13 0.67
N VAL A 62 -8.98 -17.83 -0.55
CA VAL A 62 -9.30 -18.83 -1.56
C VAL A 62 -8.40 -18.59 -2.76
N ASP A 63 -7.83 -19.67 -3.28
CA ASP A 63 -6.93 -19.67 -4.41
C ASP A 63 -7.69 -20.16 -5.63
N TYR A 64 -7.44 -19.55 -6.79
CA TYR A 64 -8.03 -20.02 -8.03
C TYR A 64 -6.95 -20.63 -8.91
N SER A 65 -7.24 -21.79 -9.49
CA SER A 65 -6.35 -22.44 -10.43
C SER A 65 -7.18 -22.93 -11.59
N GLU A 66 -6.83 -22.48 -12.80
CA GLU A 66 -7.63 -22.82 -13.98
C GLU A 66 -7.58 -24.31 -14.29
N ALA A 67 -6.46 -24.97 -14.02
CA ALA A 67 -6.37 -26.39 -14.33
C ALA A 67 -7.17 -27.22 -13.33
N GLU A 68 -7.35 -26.73 -12.11
CA GLU A 68 -8.02 -27.48 -11.06
CA GLU A 68 -8.02 -27.49 -11.06
C GLU A 68 -9.50 -27.14 -10.91
N GLN A 69 -9.93 -25.98 -11.39
CA GLN A 69 -11.30 -25.53 -11.18
C GLN A 69 -11.96 -25.16 -12.50
N SER A 70 -13.28 -25.39 -12.56
CA SER A 70 -14.06 -25.06 -13.73
C SER A 70 -14.44 -23.58 -13.71
N ASP A 71 -14.94 -23.11 -14.87
CA ASP A 71 -15.46 -21.75 -14.95
C ASP A 71 -16.65 -21.55 -14.01
N GLU A 72 -17.47 -22.59 -13.83
CA GLU A 72 -18.58 -22.47 -12.90
C GLU A 72 -18.08 -22.28 -11.47
N GLN A 73 -17.03 -23.00 -11.09
CA GLN A 73 -16.48 -22.86 -9.74
C GLN A 73 -15.82 -21.50 -9.56
N LEU A 74 -15.15 -20.99 -10.59
CA LEU A 74 -14.63 -19.62 -10.55
C LEU A 74 -15.76 -18.63 -10.34
N HIS A 75 -16.85 -18.78 -11.10
CA HIS A 75 -18.00 -17.91 -10.96
C HIS A 75 -18.56 -17.97 -9.53
N GLN A 76 -18.63 -19.17 -8.96
N GLN A 76 -18.63 -19.17 -8.96
CA GLN A 76 -19.10 -19.32 -7.58
CA GLN A 76 -19.10 -19.33 -7.59
C GLN A 76 -18.16 -18.63 -6.61
C GLN A 76 -18.16 -18.65 -6.60
N GLU A 77 -16.85 -18.80 -6.80
CA GLU A 77 -15.88 -18.19 -5.90
C GLU A 77 -15.94 -16.66 -5.96
N ILE A 78 -16.16 -16.10 -7.15
CA ILE A 78 -16.29 -14.66 -7.28
C ILE A 78 -17.50 -14.14 -6.51
N SER A 79 -18.62 -14.86 -6.58
CA SER A 79 -19.81 -14.40 -5.86
C SER A 79 -19.64 -14.52 -4.34
N GLN A 80 -18.77 -15.43 -3.88
CA GLN A 80 -18.58 -15.62 -2.46
C GLN A 80 -17.56 -14.64 -1.87
N ALA A 81 -16.61 -14.18 -2.68
CA ALA A 81 -15.61 -13.25 -2.19
C ALA A 81 -16.23 -11.90 -1.87
N ASN A 82 -15.62 -11.17 -0.94
CA ASN A 82 -15.97 -9.76 -0.77
C ASN A 82 -14.76 -8.86 -0.98
N VAL A 83 -13.64 -9.42 -1.44
CA VAL A 83 -12.55 -8.66 -2.05
C VAL A 83 -11.78 -9.61 -2.95
N ILE A 84 -11.40 -9.14 -4.13
CA ILE A 84 -10.70 -9.96 -5.10
C ILE A 84 -9.36 -9.31 -5.41
N CYS A 85 -8.29 -10.07 -5.22
CA CYS A 85 -6.95 -9.64 -5.60
C CYS A 85 -6.68 -10.18 -7.00
N ILE A 86 -6.55 -9.28 -7.97
CA ILE A 86 -6.18 -9.66 -9.32
C ILE A 86 -4.67 -9.60 -9.39
N VAL A 87 -4.02 -10.76 -9.47
CA VAL A 87 -2.56 -10.87 -9.43
C VAL A 87 -2.01 -10.89 -10.85
N TYR A 88 -0.97 -10.09 -11.09
CA TYR A 88 -0.21 -10.17 -12.33
C TYR A 88 1.26 -10.29 -11.98
N ALA A 89 2.09 -10.58 -12.97
CA ALA A 89 3.52 -10.65 -12.80
C ALA A 89 4.15 -9.41 -13.41
N VAL A 90 5.01 -8.73 -12.66
CA VAL A 90 5.56 -7.47 -13.11
C VAL A 90 6.38 -7.62 -14.37
N ASN A 91 6.90 -8.82 -14.63
CA ASN A 91 7.70 -9.07 -15.82
C ASN A 91 6.91 -9.71 -16.96
N ASN A 92 5.58 -9.69 -16.88
CA ASN A 92 4.74 -10.35 -17.88
C ASN A 92 3.65 -9.39 -18.34
N LYS A 93 3.88 -8.72 -19.48
CA LYS A 93 2.89 -7.77 -19.98
C LYS A 93 1.55 -8.43 -20.27
N HIS A 94 1.56 -9.69 -20.74
CA HIS A 94 0.30 -10.37 -21.01
C HIS A 94 -0.56 -10.46 -19.75
N SER A 95 0.06 -10.83 -18.62
CA SER A 95 -0.70 -10.95 -17.38
C SER A 95 -1.29 -9.62 -16.95
N ILE A 96 -0.68 -8.50 -17.36
CA ILE A 96 -1.24 -7.19 -17.08
C ILE A 96 -2.40 -6.89 -18.03
N ASP A 97 -2.21 -7.17 -19.34
CA ASP A 97 -3.27 -6.90 -20.30
C ASP A 97 -4.55 -7.66 -19.96
N LYS A 98 -4.42 -8.88 -19.43
CA LYS A 98 -5.58 -9.69 -19.09
C LYS A 98 -6.36 -9.15 -17.89
N VAL A 99 -5.76 -8.23 -17.12
CA VAL A 99 -6.49 -7.61 -16.02
C VAL A 99 -7.74 -6.92 -16.54
N THR A 100 -7.61 -6.16 -17.62
CA THR A 100 -8.72 -5.42 -18.20
C THR A 100 -9.45 -6.21 -19.28
N SER A 101 -8.74 -7.07 -20.02
CA SER A 101 -9.40 -7.79 -21.10
C SER A 101 -10.20 -8.98 -20.58
N ARG A 102 -9.82 -9.55 -19.44
CA ARG A 102 -10.48 -10.77 -18.98
C ARG A 102 -11.05 -10.63 -17.57
N TRP A 103 -10.19 -10.30 -16.60
CA TRP A 103 -10.57 -10.51 -15.21
C TRP A 103 -11.63 -9.52 -14.75
N ILE A 104 -11.43 -8.23 -15.00
CA ILE A 104 -12.43 -7.23 -14.57
C ILE A 104 -13.78 -7.45 -15.25
N PRO A 105 -13.87 -7.61 -16.58
CA PRO A 105 -15.18 -7.97 -17.17
C PRO A 105 -15.79 -9.22 -16.57
N LEU A 106 -14.99 -10.26 -16.34
CA LEU A 106 -15.53 -11.50 -15.78
C LEU A 106 -16.09 -11.27 -14.37
N ILE A 107 -15.36 -10.52 -13.54
CA ILE A 107 -15.86 -10.22 -12.21
C ILE A 107 -17.17 -9.46 -12.29
N ASN A 108 -17.29 -8.56 -13.26
CA ASN A 108 -18.51 -7.80 -13.42
C ASN A 108 -19.64 -8.58 -14.08
N GLU A 109 -19.43 -9.86 -14.38
CA GLU A 109 -20.53 -10.73 -14.78
C GLU A 109 -21.35 -11.23 -13.60
N ARG A 110 -20.94 -10.94 -12.37
CA ARG A 110 -21.63 -11.44 -11.18
C ARG A 110 -23.06 -10.91 -11.15
N THR A 111 -23.94 -11.69 -10.53
CA THR A 111 -25.37 -11.40 -10.62
C THR A 111 -25.87 -10.43 -9.54
N ASP A 112 -25.23 -10.40 -8.37
CA ASP A 112 -25.69 -9.58 -7.26
C ASP A 112 -24.76 -8.38 -7.14
N LYS A 113 -25.08 -7.31 -7.88
CA LYS A 113 -24.26 -6.11 -7.92
C LYS A 113 -24.73 -5.05 -6.95
N ASP A 114 -25.64 -5.38 -6.03
CA ASP A 114 -26.13 -4.37 -5.08
C ASP A 114 -25.06 -3.94 -4.09
N SER A 115 -24.01 -4.73 -3.91
CA SER A 115 -22.90 -4.40 -3.03
CA SER A 115 -22.90 -4.40 -3.03
C SER A 115 -21.63 -4.29 -3.85
N ARG A 116 -20.83 -3.25 -3.58
CA ARG A 116 -19.57 -3.08 -4.27
C ARG A 116 -18.62 -4.22 -3.93
N LEU A 117 -17.88 -4.69 -4.93
CA LEU A 117 -16.88 -5.73 -4.74
C LEU A 117 -15.51 -5.12 -4.99
N PRO A 118 -14.80 -4.70 -3.95
CA PRO A 118 -13.52 -3.99 -4.17
C PRO A 118 -12.47 -4.92 -4.73
N LEU A 119 -11.65 -4.37 -5.62
CA LEU A 119 -10.56 -5.11 -6.24
C LEU A 119 -9.23 -4.51 -5.81
N ILE A 120 -8.21 -5.35 -5.79
CA ILE A 120 -6.84 -4.92 -5.51
C ILE A 120 -5.95 -5.48 -6.61
N LEU A 121 -5.17 -4.62 -7.24
CA LEU A 121 -4.21 -5.04 -8.25
C LEU A 121 -2.90 -5.41 -7.57
N VAL A 122 -2.44 -6.65 -7.80
CA VAL A 122 -1.26 -7.19 -7.13
C VAL A 122 -0.22 -7.53 -8.19
N GLY A 123 0.87 -6.78 -8.19
CA GLY A 123 1.97 -7.07 -9.08
C GLY A 123 3.06 -7.88 -8.39
N ASN A 124 3.07 -9.18 -8.65
CA ASN A 124 3.99 -10.09 -7.97
C ASN A 124 5.30 -10.20 -8.75
N LYS A 125 6.29 -10.80 -8.08
CA LYS A 125 7.64 -11.06 -8.60
C LYS A 125 8.47 -9.79 -8.73
N SER A 126 8.25 -8.84 -7.80
CA SER A 126 9.01 -7.59 -7.82
C SER A 126 10.50 -7.81 -7.66
N ASP A 127 10.91 -8.98 -7.14
CA ASP A 127 12.33 -9.29 -7.02
C ASP A 127 13.03 -9.38 -8.38
N LEU A 128 12.29 -9.62 -9.46
CA LEU A 128 12.91 -9.89 -10.76
C LEU A 128 13.33 -8.63 -11.50
N VAL A 129 12.73 -7.48 -11.18
CA VAL A 129 12.89 -6.26 -11.96
C VAL A 129 13.34 -5.12 -11.06
N GLU A 130 13.90 -4.08 -11.67
CA GLU A 130 14.32 -2.89 -10.94
C GLU A 130 13.42 -1.69 -11.23
N TYR A 131 12.33 -1.89 -11.98
CA TYR A 131 11.40 -0.84 -12.32
C TYR A 131 10.04 -1.14 -11.70
N SER A 132 9.25 -0.10 -11.51
CA SER A 132 7.89 -0.25 -10.99
CA SER A 132 7.90 -0.26 -10.99
C SER A 132 6.90 -0.44 -12.13
N SER A 133 5.85 -1.20 -11.87
CA SER A 133 4.78 -1.38 -12.84
C SER A 133 3.74 -0.28 -12.75
N MET A 134 3.95 0.70 -11.88
CA MET A 134 2.91 1.69 -11.58
C MET A 134 2.51 2.47 -12.82
N GLU A 135 3.48 2.85 -13.66
CA GLU A 135 3.15 3.58 -14.89
C GLU A 135 2.22 2.76 -15.77
N THR A 136 2.39 1.44 -15.79
CA THR A 136 1.55 0.59 -16.62
C THR A 136 0.14 0.45 -16.07
N ILE A 137 0.01 0.32 -14.74
CA ILE A 137 -1.29 0.06 -14.15
C ILE A 137 -2.02 1.31 -13.69
N LEU A 138 -1.36 2.46 -13.65
CA LEU A 138 -2.06 3.70 -13.32
CA LEU A 138 -2.06 3.70 -13.32
C LEU A 138 -3.22 3.99 -14.27
N PRO A 139 -3.12 3.76 -15.58
CA PRO A 139 -4.32 3.94 -16.43
C PRO A 139 -5.45 3.01 -16.06
N ILE A 140 -5.15 1.80 -15.59
CA ILE A 140 -6.19 0.88 -15.16
C ILE A 140 -6.88 1.40 -13.92
N MET A 141 -6.10 1.86 -12.93
CA MET A 141 -6.68 2.43 -11.72
C MET A 141 -7.58 3.61 -12.05
N ASN A 142 -7.22 4.40 -13.05
CA ASN A 142 -8.01 5.59 -13.38
C ASN A 142 -9.34 5.22 -13.99
N GLN A 143 -9.37 4.16 -14.81
CA GLN A 143 -10.58 3.79 -15.52
C GLN A 143 -11.56 3.00 -14.67
N TYR A 144 -11.05 2.21 -13.72
CA TYR A 144 -11.88 1.27 -12.95
C TYR A 144 -11.86 1.69 -11.48
N THR A 145 -12.86 2.48 -11.08
CA THR A 145 -12.95 2.94 -9.70
C THR A 145 -13.24 1.82 -8.72
N GLU A 146 -13.70 0.65 -9.20
CA GLU A 146 -13.89 -0.48 -8.30
C GLU A 146 -12.57 -1.01 -7.76
N ILE A 147 -11.46 -0.63 -8.36
CA ILE A 147 -10.14 -1.00 -7.83
C ILE A 147 -9.86 -0.11 -6.63
N GLU A 148 -9.71 -0.74 -5.46
CA GLU A 148 -9.51 0.00 -4.23
C GLU A 148 -8.07 0.50 -4.09
N THR A 149 -7.10 -0.33 -4.42
CA THR A 149 -5.70 0.06 -4.34
C THR A 149 -4.87 -0.94 -5.13
N CYS A 150 -3.56 -0.72 -5.11
CA CYS A 150 -2.62 -1.57 -5.81
C CYS A 150 -1.40 -1.77 -4.93
N VAL A 151 -0.70 -2.87 -5.18
CA VAL A 151 0.48 -3.21 -4.40
C VAL A 151 1.39 -4.05 -5.28
N GLU A 152 2.71 -3.87 -5.12
CA GLU A 152 3.69 -4.73 -5.76
C GLU A 152 4.38 -5.54 -4.66
N CYS A 153 4.55 -6.85 -4.89
CA CYS A 153 5.03 -7.78 -3.87
CA CYS A 153 5.11 -7.70 -3.85
C CYS A 153 6.03 -8.73 -4.47
N SER A 154 6.67 -9.51 -3.60
CA SER A 154 7.51 -10.63 -4.01
C SER A 154 7.26 -11.77 -3.03
N ALA A 155 6.54 -12.80 -3.48
CA ALA A 155 6.47 -14.01 -2.68
C ALA A 155 7.87 -14.56 -2.41
N LYS A 156 8.75 -14.48 -3.40
CA LYS A 156 10.07 -15.11 -3.30
C LYS A 156 10.92 -14.45 -2.21
N ASN A 157 10.88 -13.12 -2.12
CA ASN A 157 11.66 -12.39 -1.14
C ASN A 157 10.85 -12.02 0.09
N LEU A 158 9.60 -12.48 0.18
CA LEU A 158 8.71 -12.19 1.31
C LEU A 158 8.55 -10.68 1.52
N LYS A 159 8.34 -9.95 0.43
CA LYS A 159 8.20 -8.51 0.47
C LYS A 159 6.76 -8.12 0.20
N ASN A 160 6.20 -7.31 1.11
CA ASN A 160 4.86 -6.73 0.98
CA ASN A 160 4.86 -6.73 0.98
C ASN A 160 3.75 -7.77 0.96
N ILE A 161 4.00 -8.97 1.50
CA ILE A 161 2.96 -9.98 1.60
CA ILE A 161 2.93 -9.93 1.56
C ILE A 161 2.01 -9.65 2.76
N SER A 162 2.57 -9.22 3.88
CA SER A 162 1.73 -8.77 4.98
C SER A 162 0.94 -7.51 4.59
N GLU A 163 1.57 -6.60 3.86
CA GLU A 163 0.84 -5.43 3.35
C GLU A 163 -0.32 -5.85 2.47
N LEU A 164 -0.08 -6.78 1.53
CA LEU A 164 -1.13 -7.22 0.61
C LEU A 164 -2.37 -7.64 1.37
N PHE A 165 -2.20 -8.47 2.38
CA PHE A 165 -3.39 -8.98 3.04
C PHE A 165 -3.99 -7.96 4.00
N TYR A 166 -3.18 -7.04 4.53
CA TYR A 166 -3.74 -5.90 5.25
C TYR A 166 -4.59 -5.03 4.33
N TYR A 167 -4.06 -4.70 3.14
CA TYR A 167 -4.83 -3.91 2.17
C TYR A 167 -6.14 -4.62 1.80
N ALA A 168 -6.09 -5.94 1.64
CA ALA A 168 -7.29 -6.68 1.25
C ALA A 168 -8.36 -6.60 2.33
N GLN A 169 -7.97 -6.82 3.59
CA GLN A 169 -8.93 -6.71 4.68
C GLN A 169 -9.50 -5.30 4.78
N LYS A 170 -8.64 -4.30 4.61
CA LYS A 170 -9.10 -2.92 4.75
C LYS A 170 -10.07 -2.55 3.63
N ALA A 171 -9.93 -3.16 2.45
CA ALA A 171 -10.87 -2.89 1.37
C ALA A 171 -12.27 -3.37 1.73
N VAL A 172 -12.36 -4.43 2.54
CA VAL A 172 -13.66 -4.95 2.95
C VAL A 172 -14.26 -4.09 4.04
N LEU A 173 -13.45 -3.74 5.04
CA LEU A 173 -13.97 -3.04 6.21
C LEU A 173 -14.04 -1.54 6.03
N HIS A 174 -13.11 -0.95 5.26
CA HIS A 174 -13.03 0.51 5.11
C HIS A 174 -12.72 0.89 3.67
N PRO A 175 -13.63 0.59 2.73
CA PRO A 175 -13.41 1.02 1.35
C PRO A 175 -13.44 2.54 1.25
N THR A 176 -12.80 3.05 0.19
CA THR A 176 -12.64 4.48 0.01
C THR A 176 -13.20 4.92 -1.34
N GLY A 177 -13.39 6.23 -1.48
CA GLY A 177 -13.91 6.83 -2.69
C GLY A 177 -13.75 8.33 -2.68
N PRO A 178 -13.94 8.96 -3.84
CA PRO A 178 -13.69 10.40 -3.96
C PRO A 178 -14.77 11.23 -3.27
N LEU A 179 -14.41 12.50 -3.02
CA LEU A 179 -15.36 13.43 -2.42
C LEU A 179 -16.59 13.61 -3.30
N TYR A 180 -16.37 13.87 -4.59
CA TYR A 180 -17.44 14.12 -5.53
C TYR A 180 -17.37 13.14 -6.70
N CYS A 181 -18.53 12.72 -7.17
CA CYS A 181 -18.60 11.73 -8.24
C CYS A 181 -18.36 12.37 -9.61
N ASP B 10 -5.46 21.27 -3.41
CA ASP B 10 -4.13 20.73 -3.64
C ASP B 10 -3.83 19.60 -2.67
N VAL B 11 -2.97 18.67 -3.09
CA VAL B 11 -2.43 17.66 -2.20
C VAL B 11 -1.13 18.20 -1.62
N ARG B 12 -1.07 18.32 -0.29
CA ARG B 12 0.12 18.84 0.37
C ARG B 12 0.65 17.75 1.30
N ILE B 13 1.73 17.09 0.87
CA ILE B 13 2.32 15.97 1.58
C ILE B 13 3.48 16.48 2.43
N LEU B 14 3.55 16.05 3.68
CA LEU B 14 4.67 16.37 4.55
C LEU B 14 5.29 15.06 5.03
N LEU B 15 6.61 14.99 4.99
CA LEU B 15 7.35 13.86 5.56
C LEU B 15 7.97 14.29 6.88
N VAL B 16 7.63 13.58 7.96
CA VAL B 16 8.26 13.74 9.26
C VAL B 16 8.79 12.38 9.71
N GLY B 17 9.47 12.37 10.86
CA GLY B 17 10.04 11.15 11.38
C GLY B 17 11.41 11.42 11.98
N GLU B 18 11.98 10.44 12.67
CA GLU B 18 13.25 10.63 13.35
C GLU B 18 14.37 10.97 12.37
N PRO B 19 15.44 11.57 12.85
CA PRO B 19 16.59 11.84 11.98
C PRO B 19 17.12 10.57 11.34
N ARG B 20 17.57 10.72 10.10
CA ARG B 20 18.32 9.70 9.35
C ARG B 20 17.48 8.49 8.95
N VAL B 21 16.14 8.59 8.99
CA VAL B 21 15.34 7.47 8.53
C VAL B 21 15.20 7.44 7.02
N GLY B 22 15.50 8.54 6.34
CA GLY B 22 15.53 8.55 4.89
C GLY B 22 14.52 9.47 4.24
N LYS B 23 14.03 10.47 4.98
CA LYS B 23 12.99 11.36 4.44
C LYS B 23 13.47 12.05 3.18
N THR B 24 14.61 12.72 3.25
CA THR B 24 15.11 13.48 2.11
C THR B 24 15.47 12.55 0.96
N SER B 25 16.10 11.41 1.26
CA SER B 25 16.46 10.46 0.22
C SER B 25 15.22 9.95 -0.51
N LEU B 26 14.14 9.72 0.22
CA LEU B 26 12.90 9.27 -0.42
C LEU B 26 12.40 10.30 -1.42
N ILE B 27 12.41 11.58 -1.04
CA ILE B 27 11.93 12.62 -1.93
C ILE B 27 12.84 12.75 -3.15
N MET B 28 14.15 12.73 -2.94
CA MET B 28 15.06 12.94 -4.06
CA MET B 28 15.08 12.92 -4.05
C MET B 28 15.13 11.71 -4.96
N SER B 29 14.91 10.51 -4.43
CA SER B 29 14.80 9.33 -5.28
C SER B 29 13.60 9.44 -6.20
N LEU B 30 12.47 9.91 -5.67
CA LEU B 30 11.30 10.19 -6.50
C LEU B 30 11.64 11.17 -7.62
N VAL B 31 12.38 12.23 -7.28
CA VAL B 31 12.67 13.29 -8.25
C VAL B 31 13.48 12.75 -9.43
N SER B 32 14.54 11.99 -9.14
CA SER B 32 15.47 11.59 -10.17
C SER B 32 15.26 10.17 -10.67
N GLU B 33 14.36 9.42 -10.04
CA GLU B 33 14.21 7.98 -10.32
C GLU B 33 15.54 7.28 -10.18
N GLU B 34 16.32 7.73 -9.18
CA GLU B 34 17.65 7.19 -8.91
C GLU B 34 18.03 7.64 -7.50
N PHE B 35 18.58 6.72 -6.72
CA PHE B 35 18.96 6.99 -5.34
C PHE B 35 20.12 7.97 -5.30
N PRO B 36 20.00 9.11 -4.60
CA PRO B 36 21.15 10.01 -4.44
C PRO B 36 22.11 9.47 -3.40
N GLU B 37 23.40 9.42 -3.75
CA GLU B 37 24.40 8.93 -2.79
C GLU B 37 24.50 9.86 -1.60
N GLU B 38 24.29 11.16 -1.80
CA GLU B 38 24.31 12.13 -0.73
CA GLU B 38 24.32 12.16 -0.75
C GLU B 38 23.09 13.05 -0.85
N VAL B 39 22.62 13.52 0.30
CA VAL B 39 21.48 14.44 0.31
C VAL B 39 21.76 15.61 1.26
N PRO B 40 21.18 16.77 1.01
CA PRO B 40 21.18 17.83 2.02
C PRO B 40 20.27 17.47 3.18
N PRO B 41 20.29 18.26 4.26
CA PRO B 41 19.35 17.96 5.37
C PRO B 41 17.90 18.01 4.95
N ARG B 42 17.54 18.98 4.09
CA ARG B 42 16.15 19.18 3.69
C ARG B 42 16.07 19.37 2.18
N ALA B 43 15.22 18.59 1.52
CA ALA B 43 15.02 18.76 0.09
C ALA B 43 14.26 20.05 -0.20
N GLU B 44 14.37 20.52 -1.44
CA GLU B 44 13.51 21.59 -1.91
C GLU B 44 12.09 21.07 -2.10
N GLU B 45 11.13 21.99 -2.12
CA GLU B 45 9.75 21.60 -2.36
C GLU B 45 9.59 21.03 -3.75
N ILE B 46 8.88 19.90 -3.86
CA ILE B 46 8.71 19.18 -5.11
C ILE B 46 7.26 19.31 -5.54
N THR B 47 7.05 19.52 -6.84
CA THR B 47 5.73 19.74 -7.40
C THR B 47 5.39 18.65 -8.42
N ILE B 48 4.22 18.04 -8.26
CA ILE B 48 3.66 17.13 -9.24
C ILE B 48 2.49 17.86 -9.91
N PRO B 49 2.59 18.19 -11.20
CA PRO B 49 1.54 19.00 -11.82
C PRO B 49 0.20 18.26 -11.87
N ALA B 50 -0.86 19.05 -11.95
CA ALA B 50 -2.22 18.51 -11.87
C ALA B 50 -2.52 17.48 -12.95
N ASP B 51 -1.72 17.42 -14.01
CA ASP B 51 -1.93 16.48 -15.10
C ASP B 51 -1.94 15.02 -14.65
N VAL B 52 -1.32 14.72 -13.51
CA VAL B 52 -1.11 13.32 -13.12
C VAL B 52 -2.40 12.70 -12.58
N THR B 53 -3.17 13.45 -11.81
CA THR B 53 -4.33 12.84 -11.16
C THR B 53 -5.60 13.10 -11.96
N PRO B 54 -6.55 12.16 -11.92
CA PRO B 54 -7.85 12.41 -12.58
C PRO B 54 -8.60 13.60 -12.03
N GLU B 55 -8.38 13.94 -10.75
CA GLU B 55 -9.04 15.08 -10.14
C GLU B 55 -8.51 16.42 -10.65
N ARG B 56 -7.41 16.41 -11.41
CA ARG B 56 -6.77 17.63 -11.91
C ARG B 56 -6.41 18.56 -10.74
N VAL B 57 -5.60 18.04 -9.84
CA VAL B 57 -5.17 18.78 -8.67
CA VAL B 57 -5.17 18.75 -8.64
C VAL B 57 -3.66 18.58 -8.49
N PRO B 58 -2.90 19.63 -8.21
CA PRO B 58 -1.45 19.46 -8.06
C PRO B 58 -1.07 18.90 -6.70
N THR B 59 0.14 18.37 -6.63
CA THR B 59 0.70 17.80 -5.41
C THR B 59 1.96 18.56 -5.05
N HIS B 60 2.09 18.92 -3.77
CA HIS B 60 3.30 19.53 -3.23
C HIS B 60 3.87 18.60 -2.16
N ILE B 61 5.19 18.39 -2.21
CA ILE B 61 5.87 17.48 -1.28
C ILE B 61 6.87 18.27 -0.46
N VAL B 62 6.74 18.22 0.86
CA VAL B 62 7.51 19.04 1.77
C VAL B 62 8.29 18.15 2.72
N ASP B 63 9.53 18.53 2.98
CA ASP B 63 10.50 17.80 3.79
C ASP B 63 10.65 18.52 5.12
N TYR B 64 10.96 17.76 6.17
CA TYR B 64 11.25 18.36 7.47
C TYR B 64 12.62 17.87 7.95
N SER B 65 13.40 18.79 8.48
CA SER B 65 14.72 18.47 9.02
C SER B 65 14.88 19.19 10.35
N GLU B 66 15.06 18.44 11.43
CA GLU B 66 15.25 19.07 12.72
C GLU B 66 16.54 19.87 12.78
N ALA B 67 17.56 19.43 12.04
CA ALA B 67 18.81 20.18 12.02
C ALA B 67 18.62 21.57 11.43
N GLU B 68 17.71 21.71 10.48
CA GLU B 68 17.53 22.96 9.75
C GLU B 68 16.34 23.78 10.23
N GLN B 69 15.37 23.17 10.92
CA GLN B 69 14.10 23.82 11.20
C GLN B 69 13.77 23.77 12.68
N SER B 70 13.09 24.81 13.14
CA SER B 70 12.64 24.92 14.52
C SER B 70 11.34 24.16 14.73
N ASP B 71 10.96 24.00 16.00
CA ASP B 71 9.66 23.40 16.31
C ASP B 71 8.52 24.29 15.80
N GLU B 72 8.69 25.62 15.85
CA GLU B 72 7.69 26.50 15.26
C GLU B 72 7.48 26.20 13.79
N GLN B 73 8.56 25.99 13.04
CA GLN B 73 8.43 25.68 11.63
C GLN B 73 7.80 24.32 11.41
N LEU B 74 8.17 23.33 12.24
CA LEU B 74 7.53 22.02 12.16
C LEU B 74 6.02 22.13 12.37
N HIS B 75 5.61 22.90 13.37
CA HIS B 75 4.18 23.04 13.64
C HIS B 75 3.46 23.68 12.46
N GLN B 76 4.09 24.67 11.82
CA GLN B 76 3.45 25.31 10.67
C GLN B 76 3.37 24.36 9.50
N GLU B 77 4.43 23.56 9.26
CA GLU B 77 4.36 22.56 8.21
C GLU B 77 3.23 21.57 8.48
N ILE B 78 3.04 21.18 9.73
CA ILE B 78 1.96 20.27 10.07
C ILE B 78 0.62 20.91 9.77
N SER B 79 0.49 22.21 10.06
CA SER B 79 -0.77 22.91 9.80
C SER B 79 -1.06 23.00 8.30
N GLN B 80 -0.02 23.16 7.48
CA GLN B 80 -0.21 23.33 6.04
CA GLN B 80 -0.20 23.34 6.04
C GLN B 80 -0.48 22.02 5.32
N ALA B 81 0.00 20.91 5.87
CA ALA B 81 -0.14 19.62 5.19
C ALA B 81 -1.58 19.12 5.28
N ASN B 82 -2.00 18.37 4.26
CA ASN B 82 -3.26 17.64 4.39
C ASN B 82 -3.08 16.14 4.32
N VAL B 83 -1.85 15.65 4.23
CA VAL B 83 -1.52 14.26 4.53
C VAL B 83 -0.09 14.25 5.04
N ILE B 84 0.16 13.48 6.09
CA ILE B 84 1.48 13.44 6.72
C ILE B 84 1.99 12.00 6.68
N CYS B 85 3.16 11.82 6.08
CA CYS B 85 3.86 10.54 6.08
C CYS B 85 4.82 10.54 7.27
N ILE B 86 4.58 9.65 8.23
CA ILE B 86 5.50 9.44 9.34
C ILE B 86 6.46 8.34 8.91
N VAL B 87 7.72 8.70 8.68
CA VAL B 87 8.72 7.78 8.15
C VAL B 87 9.52 7.19 9.29
N TYR B 88 9.71 5.87 9.26
CA TYR B 88 10.66 5.18 10.13
C TYR B 88 11.56 4.33 9.26
N ALA B 89 12.62 3.79 9.86
CA ALA B 89 13.51 2.86 9.18
C ALA B 89 13.23 1.46 9.71
N VAL B 90 13.01 0.51 8.80
CA VAL B 90 12.60 -0.83 9.20
C VAL B 90 13.66 -1.50 10.06
N ASN B 91 14.91 -1.05 9.98
CA ASN B 91 16.01 -1.62 10.73
C ASN B 91 16.38 -0.79 11.96
N ASN B 92 15.46 0.06 12.45
CA ASN B 92 15.77 0.97 13.56
C ASN B 92 14.59 1.01 14.53
N LYS B 93 14.68 0.24 15.62
CA LYS B 93 13.58 0.16 16.56
CA LYS B 93 13.58 0.16 16.56
C LYS B 93 13.28 1.51 17.19
N HIS B 94 14.32 2.32 17.44
CA HIS B 94 14.11 3.63 18.04
CA HIS B 94 14.09 3.62 18.05
C HIS B 94 13.21 4.51 17.17
N SER B 95 13.43 4.49 15.85
CA SER B 95 12.59 5.27 14.94
C SER B 95 11.15 4.78 14.97
N ILE B 96 10.94 3.48 15.18
CA ILE B 96 9.57 2.97 15.28
C ILE B 96 8.95 3.37 16.62
N ASP B 97 9.70 3.19 17.72
CA ASP B 97 9.20 3.61 19.02
C ASP B 97 8.75 5.07 19.01
N LYS B 98 9.49 5.93 18.32
CA LYS B 98 9.17 7.35 18.34
C LYS B 98 7.91 7.68 17.55
N VAL B 99 7.45 6.77 16.67
CA VAL B 99 6.18 6.99 15.99
C VAL B 99 5.07 7.19 17.01
N THR B 100 5.04 6.35 18.06
CA THR B 100 3.97 6.45 19.04
CA THR B 100 4.00 6.37 19.08
C THR B 100 4.32 7.36 20.20
N SER B 101 5.57 7.39 20.65
CA SER B 101 5.92 8.25 21.78
C SER B 101 6.03 9.72 21.38
N ARG B 102 6.30 10.02 20.11
CA ARG B 102 6.52 11.42 19.72
C ARG B 102 5.61 11.87 18.60
N TRP B 103 5.64 11.23 17.44
CA TRP B 103 5.10 11.85 16.24
C TRP B 103 3.57 11.87 16.22
N ILE B 104 2.94 10.74 16.50
CA ILE B 104 1.48 10.70 16.52
C ILE B 104 0.89 11.66 17.56
N PRO B 105 1.36 11.67 18.82
CA PRO B 105 0.83 12.68 19.76
C PRO B 105 1.10 14.10 19.33
N LEU B 106 2.30 14.39 18.81
CA LEU B 106 2.62 15.74 18.38
CA LEU B 106 2.62 15.74 18.37
C LEU B 106 1.65 16.21 17.31
N ILE B 107 1.38 15.35 16.32
CA ILE B 107 0.47 15.71 15.25
C ILE B 107 -0.95 15.83 15.78
N ASN B 108 -1.40 14.81 16.53
CA ASN B 108 -2.79 14.78 17.00
C ASN B 108 -3.12 15.97 17.89
N GLU B 109 -2.16 16.43 18.70
CA GLU B 109 -2.38 17.59 19.55
C GLU B 109 -2.74 18.83 18.76
N ARG B 110 -2.38 18.89 17.48
CA ARG B 110 -2.51 20.09 16.69
C ARG B 110 -3.48 19.95 15.53
N THR B 111 -4.07 18.78 15.33
CA THR B 111 -5.01 18.57 14.24
C THR B 111 -6.37 19.17 14.58
N ASP B 112 -7.04 19.67 13.55
CA ASP B 112 -8.40 20.17 13.66
C ASP B 112 -9.35 19.03 14.01
N LYS B 113 -10.02 19.11 15.15
CA LYS B 113 -10.88 18.02 15.59
C LYS B 113 -12.23 18.02 14.87
N ASP B 114 -12.53 19.05 14.08
CA ASP B 114 -13.72 19.07 13.22
C ASP B 114 -13.48 18.40 11.88
N SER B 115 -12.27 17.91 11.63
CA SER B 115 -11.84 17.48 10.31
C SER B 115 -11.00 16.22 10.50
N ARG B 116 -10.28 15.83 9.45
CA ARG B 116 -9.39 14.68 9.56
C ARG B 116 -8.12 14.97 8.77
N LEU B 117 -6.98 14.65 9.38
CA LEU B 117 -5.67 14.74 8.74
CA LEU B 117 -5.68 14.74 8.71
C LEU B 117 -5.10 13.33 8.60
N PRO B 118 -5.17 12.71 7.44
CA PRO B 118 -4.72 11.32 7.32
C PRO B 118 -3.22 11.20 7.52
N LEU B 119 -2.82 10.11 8.16
CA LEU B 119 -1.41 9.77 8.36
C LEU B 119 -1.08 8.49 7.60
N ILE B 120 0.16 8.38 7.15
CA ILE B 120 0.64 7.19 6.47
C ILE B 120 1.93 6.79 7.14
N LEU B 121 2.00 5.55 7.62
CA LEU B 121 3.22 5.03 8.21
C LEU B 121 4.12 4.49 7.11
N VAL B 122 5.36 4.96 7.06
CA VAL B 122 6.28 4.68 5.96
C VAL B 122 7.51 4.01 6.55
N GLY B 123 7.70 2.73 6.25
CA GLY B 123 8.90 2.02 6.67
C GLY B 123 9.93 1.92 5.58
N ASN B 124 10.94 2.78 5.65
CA ASN B 124 11.97 2.89 4.62
C ASN B 124 13.14 1.96 4.93
N LYS B 125 13.98 1.77 3.91
CA LYS B 125 15.19 0.94 3.92
C LYS B 125 14.88 -0.55 3.88
N SER B 126 13.83 -0.94 3.16
CA SER B 126 13.52 -2.35 3.00
C SER B 126 14.67 -3.14 2.37
N ASP B 127 15.54 -2.48 1.61
CA ASP B 127 16.67 -3.16 0.98
C ASP B 127 17.64 -3.76 1.99
N LEU B 128 17.57 -3.36 3.26
CA LEU B 128 18.54 -3.78 4.27
C LEU B 128 18.10 -5.01 5.06
N VAL B 129 16.84 -5.41 4.99
CA VAL B 129 16.32 -6.40 5.93
C VAL B 129 15.61 -7.52 5.16
N GLU B 130 15.55 -8.68 5.81
CA GLU B 130 14.86 -9.82 5.21
C GLU B 130 13.40 -9.96 5.65
N TYR B 131 13.01 -9.39 6.78
CA TYR B 131 11.66 -9.59 7.30
C TYR B 131 10.93 -8.25 7.43
N SER B 132 9.62 -8.35 7.62
CA SER B 132 8.74 -7.20 7.57
C SER B 132 8.62 -6.52 8.93
N SER B 133 8.32 -5.23 8.90
CA SER B 133 8.01 -4.46 10.10
C SER B 133 6.53 -4.46 10.44
N MET B 134 5.71 -5.17 9.66
CA MET B 134 4.26 -5.10 9.83
CA MET B 134 4.26 -5.09 9.83
C MET B 134 3.82 -5.60 11.20
N GLU B 135 4.41 -6.69 11.68
CA GLU B 135 4.05 -7.19 13.00
C GLU B 135 4.23 -6.13 14.07
N THR B 136 5.21 -5.24 13.89
CA THR B 136 5.46 -4.19 14.88
C THR B 136 4.52 -3.01 14.69
N ILE B 137 4.22 -2.64 13.45
CA ILE B 137 3.42 -1.47 13.11
CA ILE B 137 3.41 -1.45 13.24
C ILE B 137 1.92 -1.75 13.20
N LEU B 138 1.53 -3.02 13.08
CA LEU B 138 0.10 -3.35 13.10
CA LEU B 138 0.11 -3.37 13.11
C LEU B 138 -0.61 -2.90 14.37
N PRO B 139 -0.05 -3.07 15.58
CA PRO B 139 -0.75 -2.53 16.77
C PRO B 139 -0.91 -1.02 16.73
N ILE B 140 0.02 -0.31 16.09
CA ILE B 140 -0.13 1.14 15.92
C ILE B 140 -1.29 1.45 14.99
N MET B 141 -1.41 0.70 13.89
CA MET B 141 -2.53 0.88 12.98
CA MET B 141 -2.53 0.87 12.97
C MET B 141 -3.86 0.76 13.70
N ASN B 142 -4.03 -0.34 14.46
CA ASN B 142 -5.30 -0.62 15.13
C ASN B 142 -5.67 0.48 16.12
N GLN B 143 -4.67 1.15 16.70
CA GLN B 143 -4.96 2.13 17.75
C GLN B 143 -5.41 3.47 17.19
N TYR B 144 -4.88 3.88 16.04
CA TYR B 144 -5.11 5.22 15.49
C TYR B 144 -5.80 5.12 14.14
N THR B 145 -7.11 5.40 14.12
CA THR B 145 -7.85 5.45 12.86
C THR B 145 -7.42 6.61 11.98
N GLU B 146 -6.68 7.58 12.52
CA GLU B 146 -6.12 8.65 11.71
C GLU B 146 -5.13 8.11 10.69
N ILE B 147 -4.51 6.96 10.98
CA ILE B 147 -3.57 6.35 10.04
C ILE B 147 -4.36 5.70 8.91
N GLU B 148 -4.18 6.20 7.70
CA GLU B 148 -4.96 5.75 6.55
C GLU B 148 -4.41 4.44 5.98
N THR B 149 -3.10 4.29 5.95
CA THR B 149 -2.50 3.05 5.43
C THR B 149 -1.04 3.05 5.84
N CYS B 150 -0.34 1.99 5.44
CA CYS B 150 1.09 1.85 5.70
CA CYS B 150 1.09 1.85 5.70
C CYS B 150 1.76 1.28 4.46
N VAL B 151 3.06 1.53 4.35
CA VAL B 151 3.83 1.06 3.20
C VAL B 151 5.27 0.85 3.67
N GLU B 152 5.91 -0.17 3.10
CA GLU B 152 7.34 -0.38 3.27
C GLU B 152 8.00 -0.15 1.93
N CYS B 153 9.18 0.49 1.92
CA CYS B 153 9.80 0.91 0.66
CA CYS B 153 9.79 0.93 0.68
C CYS B 153 11.30 1.05 0.86
N SER B 154 11.99 1.40 -0.22
CA SER B 154 13.42 1.66 -0.16
C SER B 154 13.74 2.82 -1.09
N ALA B 155 14.26 3.92 -0.53
CA ALA B 155 14.77 4.96 -1.40
C ALA B 155 15.94 4.47 -2.24
N LYS B 156 16.65 3.45 -1.76
CA LYS B 156 17.89 3.03 -2.42
C LYS B 156 17.61 2.32 -3.74
N ASN B 157 16.59 1.45 -3.78
CA ASN B 157 16.25 0.75 -5.01
C ASN B 157 14.94 1.21 -5.61
N LEU B 158 14.30 2.22 -5.02
CA LEU B 158 13.08 2.86 -5.49
C LEU B 158 11.85 1.98 -5.33
N LYS B 159 11.97 0.80 -4.73
CA LYS B 159 10.80 -0.07 -4.63
C LYS B 159 9.74 0.54 -3.73
N ASN B 160 8.51 0.60 -4.23
CA ASN B 160 7.32 1.09 -3.55
C ASN B 160 7.32 2.59 -3.31
N ILE B 161 8.27 3.33 -3.90
CA ILE B 161 8.26 4.79 -3.80
CA ILE B 161 8.23 4.77 -3.76
C ILE B 161 7.07 5.36 -4.57
N SER B 162 6.81 4.82 -5.77
CA SER B 162 5.65 5.26 -6.53
C SER B 162 4.37 4.99 -5.76
N GLU B 163 4.24 3.79 -5.18
CA GLU B 163 3.08 3.47 -4.36
C GLU B 163 2.94 4.45 -3.21
N LEU B 164 4.06 4.77 -2.54
CA LEU B 164 4.02 5.67 -1.38
C LEU B 164 3.30 6.96 -1.71
N PHE B 165 3.73 7.63 -2.78
CA PHE B 165 3.13 8.94 -3.08
C PHE B 165 1.77 8.80 -3.74
N TYR B 166 1.51 7.69 -4.43
CA TYR B 166 0.15 7.39 -4.85
C TYR B 166 -0.78 7.26 -3.65
N TYR B 167 -0.37 6.49 -2.64
CA TYR B 167 -1.20 6.34 -1.45
C TYR B 167 -1.44 7.68 -0.77
N ALA B 168 -0.39 8.51 -0.69
CA ALA B 168 -0.54 9.83 -0.06
C ALA B 168 -1.56 10.68 -0.81
N GLN B 169 -1.47 10.71 -2.13
CA GLN B 169 -2.44 11.46 -2.92
C GLN B 169 -3.86 10.93 -2.67
N LYS B 170 -4.02 9.61 -2.68
CA LYS B 170 -5.35 9.04 -2.53
C LYS B 170 -5.91 9.28 -1.13
N ALA B 171 -5.05 9.39 -0.13
CA ALA B 171 -5.52 9.72 1.21
C ALA B 171 -6.24 11.06 1.23
N VAL B 172 -5.86 11.97 0.34
CA VAL B 172 -6.52 13.28 0.27
C VAL B 172 -7.67 13.26 -0.72
N LEU B 173 -7.46 12.65 -1.89
CA LEU B 173 -8.42 12.72 -2.99
C LEU B 173 -9.53 11.69 -2.86
N HIS B 174 -9.28 10.58 -2.16
CA HIS B 174 -10.30 9.58 -1.85
CA HIS B 174 -10.30 9.58 -1.85
C HIS B 174 -10.50 9.54 -0.33
N PRO B 175 -10.95 10.63 0.26
CA PRO B 175 -10.98 10.73 1.73
C PRO B 175 -12.24 10.20 2.40
N THR B 176 -13.20 9.69 1.62
CA THR B 176 -14.44 9.18 2.19
C THR B 176 -14.67 7.76 1.69
N GLY B 177 -15.87 7.23 1.93
CA GLY B 177 -16.23 5.92 1.41
C GLY B 177 -16.68 5.99 -0.03
N PRO B 178 -17.09 4.84 -0.56
CA PRO B 178 -17.59 4.77 -1.94
C PRO B 178 -19.06 5.16 -2.03
PG GTP C . -1.29 -21.27 -11.52
O1G GTP C . -1.87 -21.99 -10.33
O2G GTP C . -2.27 -20.29 -12.11
O3G GTP C . -0.81 -22.24 -12.58
O3B GTP C . 0.02 -20.44 -11.09
PB GTP C . 0.06 -19.50 -9.79
O1B GTP C . -0.52 -18.15 -10.12
O2B GTP C . -0.57 -20.15 -8.58
O3A GTP C . 1.65 -19.31 -9.53
PA GTP C . 2.63 -20.26 -8.66
O1A GTP C . 2.50 -19.98 -7.19
O2A GTP C . 2.44 -21.72 -9.01
O5' GTP C . 4.06 -19.78 -9.19
C5' GTP C . 4.44 -19.90 -10.54
C4' GTP C . 5.96 -19.87 -10.61
O4' GTP C . 6.38 -18.57 -10.28
C3' GTP C . 6.65 -20.81 -9.64
O3' GTP C . 7.85 -21.28 -10.24
C2' GTP C . 7.08 -19.91 -8.50
O2' GTP C . 8.23 -20.38 -7.85
C1' GTP C . 7.32 -18.61 -9.22
N9 GTP C . 7.09 -17.44 -8.34
C8 GTP C . 5.97 -17.18 -7.58
N7 GTP C . 6.14 -16.00 -6.94
C5 GTP C . 7.36 -15.51 -7.29
C6 GTP C . 8.05 -14.35 -6.94
O6 GTP C . 7.55 -13.53 -6.16
N1 GTP C . 9.29 -14.10 -7.47
C2 GTP C . 9.86 -15.01 -8.35
N2 GTP C . 11.07 -14.78 -8.85
N3 GTP C . 9.18 -16.16 -8.70
C4 GTP C . 7.96 -16.40 -8.17
MG MG D . -1.63 -21.94 -8.30
PG GTP E . 17.37 14.03 8.60
O1G GTP E . 18.62 14.26 9.40
O2G GTP E . 16.19 13.93 9.54
O3G GTP E . 17.16 15.15 7.61
O3B GTP E . 17.55 12.60 7.90
PB GTP E . 16.60 12.04 6.72
O1B GTP E . 16.32 13.09 5.69
O2B GTP E . 15.35 11.45 7.32
O3A GTP E . 17.46 10.85 6.08
PA GTP E . 18.48 10.99 4.83
O1A GTP E . 19.49 12.10 5.05
O2A GTP E . 17.76 11.06 3.52
O5' GTP E . 19.25 9.58 4.90
C5' GTP E . 20.00 9.18 6.03
C4' GTP E . 20.99 8.10 5.59
O4' GTP E . 20.26 6.95 5.25
C3' GTP E . 21.77 8.50 4.34
O3' GTP E . 23.08 8.00 4.47
C2' GTP E . 21.08 7.75 3.22
O2' GTP E . 21.96 7.44 2.16
C1' GTP E . 20.56 6.52 3.92
N9 GTP E . 19.33 6.02 3.30
C8 GTP E . 18.18 6.73 3.02
N7 GTP E . 17.28 5.87 2.48
C5 GTP E . 17.84 4.62 2.42
C6 GTP E . 17.38 3.39 1.97
O6 GTP E . 16.25 3.24 1.52
N1 GTP E . 18.20 2.28 2.06
C2 GTP E . 19.46 2.39 2.58
N2 GTP E . 20.24 1.30 2.65
N3 GTP E . 19.91 3.61 3.02
C4 GTP E . 19.11 4.72 2.94
MG MG F . 16.66 15.12 5.59
#